data_2YN1
#
_entry.id   2YN1
#
_cell.length_a   36.090
_cell.length_b   62.910
_cell.length_c   42.910
_cell.angle_alpha   90.00
_cell.angle_beta   109.17
_cell.angle_gamma   90.00
#
_symmetry.space_group_name_H-M   'P 1 21 1'
#
loop_
_entity.id
_entity.type
_entity.pdbx_description
1 polymer 'LGPCA THIOREDOXIN'
2 non-polymer 'TRIETHYLENE GLYCOL'
3 water water
#
_entity_poly.entity_id   1
_entity_poly.type   'polypeptide(L)'
_entity_poly.pdbx_seq_one_letter_code
;MSIIHVTDDSFDQDVLKADKPVLVDFWAEWCGPCKMIAPILDEIAEEYEGKLKVAKVNIDENPETAAKYGIRGIPTLMLF
KNGEVAATKVGALSKSQLKEFLDANL
;
_entity_poly.pdbx_strand_id   A,B
#
loop_
_chem_comp.id
_chem_comp.type
_chem_comp.name
_chem_comp.formula
PGE non-polymer 'TRIETHYLENE GLYCOL' 'C6 H14 O4'
#
# COMPACT_ATOMS: atom_id res chain seq x y z
N SER A 2 -16.81 -12.15 -10.67
CA SER A 2 -16.09 -11.97 -11.93
C SER A 2 -14.85 -11.08 -11.76
N ILE A 3 -13.68 -11.68 -11.97
CA ILE A 3 -12.43 -10.94 -11.91
C ILE A 3 -11.63 -11.08 -13.20
N ILE A 4 -11.17 -9.98 -13.76
CA ILE A 4 -10.31 -9.96 -14.91
C ILE A 4 -8.96 -9.39 -14.53
N HIS A 5 -7.93 -9.92 -15.18
CA HIS A 5 -6.56 -9.39 -15.08
C HIS A 5 -6.33 -8.43 -16.23
N VAL A 6 -5.95 -7.22 -15.89
CA VAL A 6 -5.90 -6.14 -16.85
C VAL A 6 -4.46 -5.65 -16.98
N THR A 7 -4.08 -5.18 -18.16
CA THR A 7 -2.73 -4.63 -18.40
C THR A 7 -2.80 -3.20 -18.90
N ASP A 8 -1.64 -2.58 -19.00
CA ASP A 8 -1.52 -1.23 -19.55
C ASP A 8 -2.24 -1.14 -20.88
N ASP A 9 -2.09 -2.15 -21.73
CA ASP A 9 -2.63 -2.11 -23.07
C ASP A 9 -4.14 -2.27 -23.11
N SER A 10 -4.71 -2.91 -22.10
CA SER A 10 -6.15 -3.13 -22.10
C SER A 10 -6.92 -2.27 -21.11
N PHE A 11 -6.24 -1.44 -20.34
CA PHE A 11 -6.88 -0.70 -19.25
C PHE A 11 -7.99 0.22 -19.78
N ASP A 12 -7.73 0.89 -20.88
CA ASP A 12 -8.72 1.81 -21.41
C ASP A 12 -10.01 1.07 -21.73
N GLN A 13 -9.89 -0.05 -22.44
N GLN A 13 -9.89 -0.03 -22.47
CA GLN A 13 -11.05 -0.83 -22.81
CA GLN A 13 -11.07 -0.84 -22.80
C GLN A 13 -11.75 -1.49 -21.63
C GLN A 13 -11.76 -1.45 -21.59
N ASP A 14 -10.98 -2.10 -20.74
CA ASP A 14 -11.53 -2.94 -19.71
C ASP A 14 -12.05 -2.14 -18.53
N VAL A 15 -11.43 -0.98 -18.26
CA VAL A 15 -11.77 -0.19 -17.09
C VAL A 15 -12.43 1.13 -17.48
N LEU A 16 -11.81 1.90 -18.34
CA LEU A 16 -12.35 3.22 -18.64
C LEU A 16 -13.63 3.16 -19.49
N LYS A 17 -13.83 2.11 -20.28
CA LYS A 17 -14.98 2.00 -21.15
C LYS A 17 -15.98 0.96 -20.68
N ALA A 18 -15.85 0.50 -19.44
CA ALA A 18 -16.77 -0.47 -18.88
C ALA A 18 -18.19 0.09 -18.70
N ASP A 19 -19.16 -0.79 -18.78
N ASP A 19 -19.20 -0.76 -18.75
CA ASP A 19 -20.59 -0.44 -18.69
CA ASP A 19 -20.58 -0.27 -18.63
C ASP A 19 -21.05 -0.38 -17.24
C ASP A 19 -21.10 -0.39 -17.20
N LYS A 20 -20.25 -0.86 -16.32
CA LYS A 20 -20.58 -0.70 -14.91
CA LYS A 20 -20.52 -0.92 -14.87
C LYS A 20 -19.33 -0.33 -14.15
N PRO A 21 -19.50 0.11 -12.90
CA PRO A 21 -18.33 0.51 -12.10
C PRO A 21 -17.31 -0.61 -12.04
N VAL A 22 -16.04 -0.23 -11.95
CA VAL A 22 -14.97 -1.18 -11.88
C VAL A 22 -14.12 -0.92 -10.64
N LEU A 23 -13.94 -1.94 -9.81
CA LEU A 23 -13.01 -1.87 -8.70
C LEU A 23 -11.70 -2.45 -9.13
N VAL A 24 -10.68 -1.62 -9.16
CA VAL A 24 -9.34 -2.01 -9.56
C VAL A 24 -8.47 -2.29 -8.33
N ASP A 25 -7.88 -3.47 -8.30
CA ASP A 25 -6.97 -3.94 -7.24
C ASP A 25 -5.57 -3.86 -7.77
N PHE A 26 -4.79 -2.91 -7.25
CA PHE A 26 -3.40 -2.80 -7.62
C PHE A 26 -2.54 -3.64 -6.69
N TRP A 27 -1.81 -4.60 -7.23
CA TRP A 27 -1.12 -5.60 -6.42
C TRP A 27 0.24 -5.94 -7.00
N ALA A 28 1.02 -6.69 -6.22
CA ALA A 28 2.29 -7.26 -6.69
C ALA A 28 2.63 -8.42 -5.75
N GLU A 29 3.54 -9.26 -6.21
CA GLU A 29 3.97 -10.46 -5.49
CA GLU A 29 3.91 -10.46 -5.47
C GLU A 29 4.57 -10.17 -4.12
N TRP A 30 5.24 -9.03 -4.01
CA TRP A 30 5.93 -8.67 -2.79
C TRP A 30 5.04 -8.01 -1.76
N CYS A 31 3.75 -7.99 -2.06
CA CYS A 31 2.79 -7.31 -1.20
C CYS A 31 1.99 -8.29 -0.34
N GLY A 32 2.38 -8.48 0.91
CA GLY A 32 1.67 -9.41 1.77
C GLY A 32 0.21 -9.05 2.01
N PRO A 33 -0.07 -7.78 2.31
CA PRO A 33 -1.47 -7.42 2.53
C PRO A 33 -2.32 -7.59 1.30
N CYS A 34 -1.75 -7.43 0.12
CA CYS A 34 -2.48 -7.68 -1.11
C CYS A 34 -2.96 -9.14 -1.13
N LYS A 35 -2.12 -10.07 -0.69
N LYS A 35 -2.09 -10.04 -0.70
CA LYS A 35 -2.49 -11.49 -0.67
CA LYS A 35 -2.41 -11.46 -0.66
C LYS A 35 -3.56 -11.75 0.36
C LYS A 35 -3.54 -11.69 0.32
N MET A 36 -3.48 -10.99 1.46
CA MET A 36 -4.48 -11.06 2.53
CA MET A 36 -4.49 -11.16 2.48
C MET A 36 -5.87 -10.68 2.02
N ILE A 37 -5.93 -9.66 1.17
CA ILE A 37 -7.23 -9.18 0.71
C ILE A 37 -7.74 -9.92 -0.52
N ALA A 38 -6.89 -10.67 -1.21
CA ALA A 38 -7.31 -11.33 -2.44
C ALA A 38 -8.55 -12.20 -2.25
N PRO A 39 -8.60 -13.07 -1.22
CA PRO A 39 -9.80 -13.90 -1.05
C PRO A 39 -11.06 -13.07 -0.75
N ILE A 40 -10.91 -11.91 -0.11
CA ILE A 40 -12.04 -11.02 0.14
CA ILE A 40 -12.03 -11.02 0.13
C ILE A 40 -12.54 -10.48 -1.19
N LEU A 41 -11.62 -10.06 -2.08
CA LEU A 41 -12.04 -9.57 -3.38
C LEU A 41 -12.73 -10.65 -4.21
N ASP A 42 -12.28 -11.90 -4.07
CA ASP A 42 -12.91 -12.99 -4.78
C ASP A 42 -14.39 -13.05 -4.37
N GLU A 43 -14.64 -12.95 -3.07
CA GLU A 43 -16.02 -13.02 -2.56
C GLU A 43 -16.81 -11.79 -2.99
N ILE A 44 -16.21 -10.62 -2.87
CA ILE A 44 -16.89 -9.40 -3.23
C ILE A 44 -17.26 -9.37 -4.71
N ALA A 45 -16.36 -9.87 -5.54
CA ALA A 45 -16.64 -9.88 -6.96
C ALA A 45 -17.89 -10.68 -7.30
N GLU A 46 -18.12 -11.76 -6.55
CA GLU A 46 -19.29 -12.57 -6.78
C GLU A 46 -20.52 -11.89 -6.20
N GLU A 47 -20.41 -11.43 -4.95
CA GLU A 47 -21.54 -10.88 -4.23
C GLU A 47 -22.06 -9.58 -4.88
N TYR A 48 -21.17 -8.81 -5.48
CA TYR A 48 -21.50 -7.54 -6.12
C TYR A 48 -21.54 -7.63 -7.65
N GLU A 49 -21.61 -8.86 -8.17
N GLU A 49 -21.63 -8.85 -8.20
CA GLU A 49 -21.66 -9.12 -9.61
CA GLU A 49 -21.57 -9.02 -9.64
C GLU A 49 -22.56 -8.14 -10.36
C GLU A 49 -22.61 -8.22 -10.43
N GLY A 50 -23.76 -7.95 -9.84
CA GLY A 50 -24.76 -7.14 -10.53
C GLY A 50 -24.44 -5.65 -10.58
N LYS A 51 -23.48 -5.22 -9.76
CA LYS A 51 -23.21 -3.81 -9.50
C LYS A 51 -21.83 -3.34 -9.90
N LEU A 52 -20.95 -4.27 -10.19
CA LEU A 52 -19.54 -4.00 -10.17
CA LEU A 52 -19.53 -4.02 -10.11
C LEU A 52 -18.75 -5.06 -10.91
N LYS A 53 -17.70 -4.61 -11.59
CA LYS A 53 -16.72 -5.43 -12.23
C LYS A 53 -15.43 -5.31 -11.40
N VAL A 54 -14.71 -6.40 -11.16
CA VAL A 54 -13.42 -6.36 -10.47
C VAL A 54 -12.25 -6.63 -11.41
N ALA A 55 -11.24 -5.77 -11.37
CA ALA A 55 -10.08 -5.92 -12.20
C ALA A 55 -8.81 -5.91 -11.38
N LYS A 56 -7.83 -6.70 -11.76
CA LYS A 56 -6.56 -6.72 -11.04
C LYS A 56 -5.49 -6.20 -11.95
N VAL A 57 -4.63 -5.33 -11.43
CA VAL A 57 -3.53 -4.78 -12.16
C VAL A 57 -2.26 -5.01 -11.36
N ASN A 58 -1.37 -5.82 -11.90
CA ASN A 58 -0.08 -6.05 -11.27
C ASN A 58 0.79 -4.85 -11.56
N ILE A 59 1.21 -4.11 -10.54
CA ILE A 59 1.93 -2.84 -10.80
C ILE A 59 3.35 -3.03 -11.30
N ASP A 60 3.96 -4.18 -11.03
CA ASP A 60 5.33 -4.39 -11.53
C ASP A 60 5.29 -4.59 -13.04
N GLU A 61 4.22 -5.19 -13.53
CA GLU A 61 4.08 -5.50 -14.95
C GLU A 61 3.43 -4.37 -15.73
N ASN A 62 2.82 -3.43 -15.03
CA ASN A 62 2.06 -2.36 -15.69
C ASN A 62 2.42 -0.97 -15.17
N PRO A 63 3.63 -0.51 -15.51
CA PRO A 63 4.10 0.78 -15.00
C PRO A 63 3.35 1.96 -15.56
N GLU A 64 2.75 1.85 -16.73
CA GLU A 64 2.07 3.01 -17.29
C GLU A 64 0.87 3.33 -16.42
N THR A 65 0.11 2.32 -16.03
CA THR A 65 -1.11 2.58 -15.29
C THR A 65 -0.73 2.99 -13.86
N ALA A 66 0.30 2.36 -13.30
CA ALA A 66 0.72 2.74 -11.97
C ALA A 66 1.13 4.21 -11.94
N ALA A 67 1.90 4.65 -12.93
CA ALA A 67 2.33 6.02 -12.97
C ALA A 67 1.14 6.95 -13.20
N LYS A 68 0.29 6.62 -14.14
CA LYS A 68 -0.81 7.52 -14.51
C LYS A 68 -1.70 7.83 -13.32
N TYR A 69 -1.99 6.82 -12.50
CA TYR A 69 -2.92 6.97 -11.39
C TYR A 69 -2.20 7.22 -10.05
N GLY A 70 -0.88 7.42 -10.08
CA GLY A 70 -0.12 7.73 -8.88
C GLY A 70 -0.08 6.59 -7.87
N ILE A 71 -0.01 5.36 -8.33
CA ILE A 71 0.05 4.22 -7.43
C ILE A 71 1.46 4.09 -6.89
N ARG A 72 1.60 4.41 -5.61
N ARG A 72 1.61 4.40 -5.63
CA ARG A 72 2.89 4.45 -4.90
CA ARG A 72 2.89 4.23 -4.99
C ARG A 72 3.14 3.37 -3.86
C ARG A 72 2.83 3.00 -4.12
N GLY A 73 2.14 3.10 -3.01
CA GLY A 73 2.17 1.99 -2.11
C GLY A 73 0.99 1.12 -2.41
N ILE A 74 1.07 -0.16 -2.05
CA ILE A 74 -0.04 -1.10 -2.23
C ILE A 74 -0.25 -1.82 -0.90
N PRO A 75 -1.43 -2.39 -0.70
CA PRO A 75 -2.57 -2.40 -1.60
C PRO A 75 -3.12 -1.00 -1.85
N THR A 76 -3.56 -0.74 -3.08
CA THR A 76 -4.40 0.42 -3.40
C THR A 76 -5.58 -0.12 -4.19
N LEU A 77 -6.79 0.26 -3.79
CA LEU A 77 -8.01 -0.01 -4.51
C LEU A 77 -8.57 1.26 -5.06
N MET A 78 -9.00 1.26 -6.30
CA MET A 78 -9.60 2.44 -6.90
CA MET A 78 -9.55 2.41 -6.94
C MET A 78 -10.87 2.02 -7.58
N LEU A 79 -11.95 2.70 -7.24
CA LEU A 79 -13.25 2.45 -7.86
C LEU A 79 -13.45 3.45 -9.00
N PHE A 80 -13.60 2.92 -10.20
CA PHE A 80 -13.87 3.74 -11.37
C PHE A 80 -15.35 3.76 -11.72
N LYS A 81 -15.86 4.95 -12.07
CA LYS A 81 -17.22 5.12 -12.62
C LYS A 81 -17.11 6.09 -13.79
N ASN A 82 -17.71 5.76 -14.91
CA ASN A 82 -17.79 6.70 -16.03
C ASN A 82 -16.40 7.11 -16.51
N GLY A 83 -15.44 6.20 -16.41
CA GLY A 83 -14.10 6.47 -16.91
C GLY A 83 -13.28 7.32 -15.97
N GLU A 84 -13.76 7.52 -14.75
CA GLU A 84 -13.09 8.40 -13.79
C GLU A 84 -13.00 7.77 -12.41
N VAL A 85 -12.02 8.18 -11.62
CA VAL A 85 -11.86 7.60 -10.29
C VAL A 85 -12.85 8.19 -9.30
N ALA A 86 -13.75 7.37 -8.80
CA ALA A 86 -14.75 7.80 -7.83
C ALA A 86 -14.26 7.72 -6.39
N ALA A 87 -13.32 6.83 -6.12
CA ALA A 87 -12.78 6.71 -4.77
C ALA A 87 -11.54 5.86 -4.74
N THR A 88 -10.68 6.14 -3.78
CA THR A 88 -9.41 5.42 -3.62
C THR A 88 -9.25 5.03 -2.19
N LYS A 89 -8.84 3.79 -1.96
CA LYS A 89 -8.46 3.35 -0.63
CA LYS A 89 -8.46 3.32 -0.63
C LYS A 89 -7.04 2.80 -0.69
N VAL A 90 -6.17 3.26 0.20
CA VAL A 90 -4.80 2.76 0.29
CA VAL A 90 -4.82 2.71 0.26
C VAL A 90 -4.65 2.00 1.59
N GLY A 91 -4.17 0.76 1.51
CA GLY A 91 -4.02 -0.09 2.67
C GLY A 91 -5.14 -1.12 2.70
N ALA A 92 -4.89 -2.22 3.39
CA ALA A 92 -5.82 -3.32 3.42
C ALA A 92 -7.02 -2.92 4.24
N LEU A 93 -8.11 -3.62 4.01
CA LEU A 93 -9.26 -3.42 4.85
C LEU A 93 -9.97 -4.75 4.92
N SER A 94 -10.83 -4.87 5.91
CA SER A 94 -11.59 -6.08 6.12
C SER A 94 -12.73 -6.17 5.12
N LYS A 95 -13.32 -7.35 5.05
CA LYS A 95 -14.49 -7.53 4.21
C LYS A 95 -15.60 -6.54 4.56
N SER A 96 -15.94 -6.39 5.86
CA SER A 96 -16.98 -5.45 6.23
C SER A 96 -16.62 -4.01 5.85
N GLN A 97 -15.34 -3.66 6.00
CA GLN A 97 -14.88 -2.33 5.63
C GLN A 97 -14.96 -2.12 4.12
N LEU A 98 -14.60 -3.14 3.36
CA LEU A 98 -14.70 -3.04 1.91
C LEU A 98 -16.14 -2.85 1.46
N LYS A 99 -17.07 -3.52 2.10
CA LYS A 99 -18.47 -3.36 1.75
CA LYS A 99 -18.48 -3.36 1.76
C LYS A 99 -18.97 -1.95 2.09
N GLU A 100 -18.52 -1.38 3.18
N GLU A 100 -18.51 -1.39 3.20
CA GLU A 100 -18.93 -0.02 3.48
CA GLU A 100 -18.86 0.00 3.53
C GLU A 100 -18.38 0.96 2.44
C GLU A 100 -18.39 0.92 2.42
N PHE A 101 -17.13 0.74 2.01
CA PHE A 101 -16.50 1.58 0.98
C PHE A 101 -17.29 1.48 -0.31
N LEU A 102 -17.64 0.26 -0.74
CA LEU A 102 -18.37 0.12 -1.97
C LEU A 102 -19.77 0.66 -1.85
N ASP A 103 -20.46 0.37 -0.76
CA ASP A 103 -21.83 0.80 -0.66
C ASP A 103 -21.96 2.33 -0.73
N ALA A 104 -20.98 3.04 -0.15
CA ALA A 104 -21.00 4.49 -0.14
C ALA A 104 -20.58 5.10 -1.47
N ASN A 105 -19.65 4.45 -2.16
CA ASN A 105 -19.02 5.04 -3.33
C ASN A 105 -19.55 4.54 -4.67
N LEU A 106 -20.33 3.47 -4.70
CA LEU A 106 -20.97 3.06 -5.94
C LEU A 106 -21.98 4.10 -6.36
N SER B 2 7.36 -1.28 -4.50
N SER B 2 9.47 -0.21 -4.13
CA SER B 2 8.45 -1.26 -3.55
CA SER B 2 8.39 -1.09 -3.69
C SER B 2 8.00 -0.82 -2.16
C SER B 2 8.00 -0.81 -2.23
N ILE B 3 6.78 -0.29 -2.06
CA ILE B 3 6.25 0.10 -0.77
C ILE B 3 4.93 -0.58 -0.48
N ILE B 4 4.81 -1.13 0.71
CA ILE B 4 3.56 -1.67 1.19
C ILE B 4 3.02 -0.84 2.34
N HIS B 5 1.70 -0.81 2.45
CA HIS B 5 1.00 -0.22 3.57
C HIS B 5 0.65 -1.35 4.51
N VAL B 6 0.98 -1.17 5.79
CA VAL B 6 0.88 -2.23 6.79
C VAL B 6 -0.04 -1.74 7.93
N THR B 7 -0.80 -2.68 8.50
CA THR B 7 -1.69 -2.39 9.61
C THR B 7 -1.34 -3.22 10.83
N ASP B 8 -2.01 -2.94 11.96
CA ASP B 8 -1.83 -3.73 13.18
C ASP B 8 -2.03 -5.23 12.87
N ASP B 9 -2.96 -5.54 11.98
N ASP B 9 -3.00 -5.47 11.97
CA ASP B 9 -3.27 -6.95 11.74
CA ASP B 9 -3.40 -6.81 11.51
C ASP B 9 -2.30 -7.63 10.76
C ASP B 9 -2.21 -7.57 10.94
N SER B 10 -1.42 -6.87 10.12
CA SER B 10 -0.44 -7.50 9.26
C SER B 10 1.01 -7.26 9.66
N PHE B 11 1.23 -6.46 10.70
CA PHE B 11 2.58 -6.09 11.07
C PHE B 11 3.51 -7.27 11.35
N ASP B 12 3.04 -8.26 12.10
CA ASP B 12 3.87 -9.41 12.39
C ASP B 12 4.31 -10.09 11.10
N GLN B 13 3.38 -10.37 10.21
CA GLN B 13 3.71 -11.05 8.97
C GLN B 13 4.59 -10.21 8.06
N ASP B 14 4.24 -8.95 7.90
CA ASP B 14 4.85 -8.11 6.86
C ASP B 14 6.19 -7.55 7.27
N VAL B 15 6.34 -7.28 8.57
CA VAL B 15 7.54 -6.67 9.09
C VAL B 15 8.37 -7.66 9.89
N LEU B 16 7.78 -8.29 10.89
CA LEU B 16 8.59 -9.11 11.81
C LEU B 16 9.02 -10.42 11.16
N LYS B 17 8.29 -10.91 10.16
CA LYS B 17 8.59 -12.18 9.51
C LYS B 17 9.14 -12.01 8.09
N ALA B 18 9.52 -10.78 7.73
CA ALA B 18 10.07 -10.50 6.41
C ALA B 18 11.44 -11.15 6.22
N ASP B 19 11.76 -11.49 4.99
CA ASP B 19 13.03 -12.14 4.60
C ASP B 19 14.14 -11.14 4.35
N LYS B 20 13.82 -9.87 4.27
CA LYS B 20 14.86 -8.85 4.22
CA LYS B 20 14.83 -8.82 4.17
C LYS B 20 14.52 -7.71 5.16
N PRO B 21 15.50 -6.83 5.40
CA PRO B 21 15.27 -5.74 6.35
C PRO B 21 14.10 -4.91 5.92
N VAL B 22 13.38 -4.35 6.87
CA VAL B 22 12.19 -3.54 6.58
C VAL B 22 12.34 -2.15 7.19
N LEU B 23 12.25 -1.12 6.36
CA LEU B 23 12.21 0.26 6.85
C LEU B 23 10.74 0.65 7.00
N VAL B 24 10.32 0.96 8.21
CA VAL B 24 8.95 1.34 8.53
C VAL B 24 8.89 2.84 8.70
N ASP B 25 8.00 3.45 7.94
CA ASP B 25 7.67 4.86 8.01
C ASP B 25 6.38 5.02 8.78
N PHE B 26 6.48 5.63 9.95
CA PHE B 26 5.32 5.90 10.77
C PHE B 26 4.83 7.32 10.48
N TRP B 27 3.60 7.43 10.00
CA TRP B 27 3.10 8.71 9.54
C TRP B 27 1.64 8.92 9.94
N ALA B 28 1.14 10.13 9.71
CA ALA B 28 -0.28 10.44 9.89
C ALA B 28 -0.60 11.66 9.07
N GLU B 29 -1.90 11.86 8.86
N GLU B 29 -1.90 11.86 8.84
CA GLU B 29 -2.42 12.98 8.05
CA GLU B 29 -2.38 12.97 8.02
C GLU B 29 -1.99 14.35 8.56
C GLU B 29 -1.92 14.33 8.56
N TRP B 30 -1.88 14.46 9.88
CA TRP B 30 -1.56 15.72 10.52
C TRP B 30 -0.08 16.02 10.62
N CYS B 31 0.72 15.21 9.96
CA CYS B 31 2.15 15.35 10.04
C CYS B 31 2.72 15.94 8.74
N GLY B 32 2.94 17.24 8.74
CA GLY B 32 3.49 17.91 7.57
C GLY B 32 4.85 17.38 7.15
N PRO B 33 5.77 17.18 8.11
CA PRO B 33 7.08 16.69 7.68
C PRO B 33 7.04 15.28 7.08
N CYS B 34 6.08 14.47 7.51
CA CYS B 34 5.89 13.14 6.95
C CYS B 34 5.59 13.26 5.47
N LYS B 35 4.68 14.18 5.13
CA LYS B 35 4.32 14.38 3.74
C LYS B 35 5.54 14.83 2.95
N MET B 36 6.43 15.57 3.59
N MET B 36 6.42 15.58 3.61
CA MET B 36 7.65 16.04 2.92
CA MET B 36 7.67 16.07 3.01
C MET B 36 8.67 14.94 2.64
C MET B 36 8.65 14.95 2.66
N ILE B 37 8.78 13.96 3.53
CA ILE B 37 9.72 12.85 3.27
C ILE B 37 9.12 11.75 2.38
N ALA B 38 7.83 11.78 2.17
CA ALA B 38 7.20 10.70 1.43
C ALA B 38 7.84 10.48 0.03
N PRO B 39 8.07 11.53 -0.79
CA PRO B 39 8.66 11.23 -2.09
C PRO B 39 10.09 10.71 -1.95
N ILE B 40 10.82 11.15 -0.92
CA ILE B 40 12.17 10.64 -0.69
C ILE B 40 12.13 9.15 -0.42
N LEU B 41 11.15 8.72 0.38
CA LEU B 41 10.98 7.30 0.65
C LEU B 41 10.58 6.53 -0.59
N ASP B 42 9.69 7.11 -1.41
CA ASP B 42 9.32 6.47 -2.66
C ASP B 42 10.58 6.21 -3.47
N GLU B 43 11.45 7.21 -3.52
CA GLU B 43 12.67 7.14 -4.33
C GLU B 43 13.67 6.15 -3.72
N ILE B 44 13.82 6.19 -2.40
CA ILE B 44 14.73 5.26 -1.75
C ILE B 44 14.24 3.81 -1.84
N ALA B 45 12.94 3.60 -1.83
CA ALA B 45 12.41 2.23 -1.93
C ALA B 45 12.79 1.64 -3.28
N GLU B 46 12.78 2.46 -4.32
CA GLU B 46 13.19 1.97 -5.62
CA GLU B 46 13.20 2.04 -5.65
C GLU B 46 14.71 1.76 -5.64
N GLU B 47 15.47 2.74 -5.17
CA GLU B 47 16.92 2.64 -5.20
C GLU B 47 17.46 1.41 -4.45
N TYR B 48 16.82 1.05 -3.33
CA TYR B 48 17.27 -0.03 -2.42
C TYR B 48 16.44 -1.32 -2.56
N GLU B 49 15.69 -1.41 -3.65
N GLU B 49 15.70 -1.41 -3.65
CA GLU B 49 14.78 -2.53 -3.92
CA GLU B 49 14.79 -2.53 -3.92
C GLU B 49 15.31 -3.92 -3.52
C GLU B 49 15.32 -3.90 -3.50
N GLY B 50 16.55 -4.20 -3.90
CA GLY B 50 17.11 -5.53 -3.65
C GLY B 50 17.59 -5.79 -2.23
N LYS B 51 17.68 -4.74 -1.41
CA LYS B 51 18.29 -4.86 -0.10
CA LYS B 51 18.29 -4.85 -0.09
C LYS B 51 17.31 -4.59 1.03
N LEU B 52 16.14 -4.10 0.69
CA LEU B 52 15.32 -3.54 1.72
C LEU B 52 13.91 -3.52 1.29
N LYS B 53 13.07 -3.80 2.27
CA LYS B 53 11.65 -3.72 2.12
C LYS B 53 11.19 -2.45 2.82
N VAL B 54 10.35 -1.65 2.19
CA VAL B 54 9.81 -0.42 2.78
C VAL B 54 8.31 -0.52 3.06
N ALA B 55 7.88 -0.15 4.28
CA ALA B 55 6.52 -0.25 4.74
C ALA B 55 6.08 1.05 5.38
N LYS B 56 4.80 1.37 5.21
CA LYS B 56 4.21 2.56 5.80
C LYS B 56 3.10 2.16 6.78
N VAL B 57 3.14 2.77 7.97
CA VAL B 57 2.17 2.52 9.00
C VAL B 57 1.57 3.84 9.46
N ASN B 58 0.27 3.99 9.24
CA ASN B 58 -0.47 5.16 9.72
C ASN B 58 -0.74 4.98 11.21
N ILE B 59 -0.24 5.87 12.05
CA ILE B 59 -0.29 5.65 13.49
C ILE B 59 -1.67 5.91 14.08
N ASP B 60 -2.47 6.70 13.39
CA ASP B 60 -3.84 6.92 13.84
C ASP B 60 -4.66 5.65 13.70
N GLU B 61 -4.48 4.99 12.56
CA GLU B 61 -5.27 3.81 12.24
C GLU B 61 -4.74 2.53 12.89
N ASN B 62 -3.49 2.62 13.38
CA ASN B 62 -2.77 1.44 13.89
C ASN B 62 -2.16 1.75 15.25
N PRO B 63 -3.02 1.99 16.25
CA PRO B 63 -2.49 2.40 17.56
C PRO B 63 -1.71 1.31 18.29
N GLU B 64 -2.00 0.04 18.03
CA GLU B 64 -1.29 -0.98 18.79
C GLU B 64 0.18 -1.01 18.43
N THR B 65 0.47 -0.91 17.13
CA THR B 65 1.86 -0.91 16.67
C THR B 65 2.57 0.34 17.17
N ALA B 66 1.89 1.48 17.08
CA ALA B 66 2.43 2.72 17.58
C ALA B 66 2.79 2.63 19.07
N ALA B 67 1.89 2.06 19.86
CA ALA B 67 2.13 1.93 21.29
C ALA B 67 3.29 0.96 21.55
N LYS B 68 3.27 -0.19 20.87
CA LYS B 68 4.27 -1.20 21.12
C LYS B 68 5.69 -0.73 20.89
N TYR B 69 5.92 0.08 19.85
CA TYR B 69 7.27 0.50 19.51
C TYR B 69 7.58 1.90 20.01
N GLY B 70 6.71 2.46 20.84
CA GLY B 70 6.98 3.74 21.48
C GLY B 70 6.96 4.91 20.52
N ILE B 71 6.05 4.88 19.53
CA ILE B 71 5.98 5.94 18.52
C ILE B 71 5.20 7.10 19.07
N ARG B 72 5.93 8.09 19.56
N ARG B 72 5.91 8.11 19.57
CA ARG B 72 5.34 9.21 20.30
CA ARG B 72 5.29 9.21 20.28
C ARG B 72 5.30 10.52 19.53
C ARG B 72 5.21 10.49 19.44
N GLY B 73 6.11 10.64 18.49
CA GLY B 73 6.12 11.81 17.63
C GLY B 73 6.61 11.35 16.29
N ILE B 74 6.21 12.06 15.23
CA ILE B 74 6.53 11.66 13.88
C ILE B 74 7.05 12.87 13.14
N PRO B 75 7.77 12.63 12.04
CA PRO B 75 8.17 11.36 11.46
C PRO B 75 9.02 10.51 12.38
N THR B 76 8.79 9.21 12.34
CA THR B 76 9.71 8.24 12.92
C THR B 76 9.93 7.15 11.88
N LEU B 77 11.20 6.84 11.61
CA LEU B 77 11.59 5.72 10.75
C LEU B 77 12.27 4.67 11.58
N MET B 78 11.90 3.44 11.42
CA MET B 78 12.46 2.36 12.20
CA MET B 78 12.49 2.36 12.18
C MET B 78 12.84 1.24 11.25
N LEU B 79 14.10 0.80 11.31
CA LEU B 79 14.59 -0.28 10.50
C LEU B 79 14.52 -1.57 11.30
N PHE B 80 13.83 -2.58 10.74
CA PHE B 80 13.69 -3.88 11.37
C PHE B 80 14.55 -4.91 10.62
N LYS B 81 15.28 -5.72 11.40
CA LYS B 81 16.06 -6.84 10.87
CA LYS B 81 16.05 -6.83 10.86
C LYS B 81 15.78 -8.03 11.73
N ASN B 82 15.50 -9.16 11.10
CA ASN B 82 15.29 -10.41 11.81
C ASN B 82 14.26 -10.29 12.93
N GLY B 83 13.20 -9.53 12.69
CA GLY B 83 12.12 -9.41 13.66
C GLY B 83 12.40 -8.46 14.79
N GLU B 84 13.47 -7.69 14.69
CA GLU B 84 13.89 -6.82 15.77
C GLU B 84 14.23 -5.45 15.24
N VAL B 85 14.15 -4.44 16.11
CA VAL B 85 14.50 -3.08 15.70
C VAL B 85 16.01 -2.89 15.71
N ALA B 86 16.55 -2.62 14.54
CA ALA B 86 17.97 -2.36 14.35
C ALA B 86 18.36 -0.89 14.57
N ALA B 87 17.47 0.03 14.23
CA ALA B 87 17.75 1.43 14.37
C ALA B 87 16.51 2.28 14.20
N THR B 88 16.53 3.45 14.80
CA THR B 88 15.38 4.35 14.78
C THR B 88 15.86 5.78 14.56
N LYS B 89 15.20 6.50 13.67
CA LYS B 89 15.43 7.92 13.46
C LYS B 89 14.14 8.69 13.63
N VAL B 90 14.16 9.78 14.40
CA VAL B 90 12.98 10.60 14.55
CA VAL B 90 12.97 10.61 14.53
C VAL B 90 13.24 11.94 13.87
N GLY B 91 12.23 12.46 13.19
CA GLY B 91 12.35 13.70 12.48
C GLY B 91 12.64 13.52 11.01
N ALA B 92 12.33 14.55 10.23
CA ALA B 92 12.54 14.48 8.80
C ALA B 92 14.04 14.40 8.56
N LEU B 93 14.42 13.69 7.51
CA LEU B 93 15.79 13.76 7.05
C LEU B 93 15.82 13.77 5.53
N SER B 94 16.97 14.17 5.02
CA SER B 94 17.19 14.24 3.58
C SER B 94 17.46 12.87 2.99
N LYS B 95 17.46 12.79 1.68
CA LYS B 95 17.80 11.56 1.01
C LYS B 95 19.20 11.10 1.39
N SER B 96 20.17 12.00 1.39
CA SER B 96 21.52 11.58 1.73
C SER B 96 21.61 11.12 3.20
N GLN B 97 20.92 11.80 4.11
CA GLN B 97 20.88 11.35 5.51
C GLN B 97 20.23 9.98 5.65
N LEU B 98 19.18 9.75 4.87
CA LEU B 98 18.52 8.46 4.90
C LEU B 98 19.45 7.38 4.38
N LYS B 99 20.19 7.64 3.31
CA LYS B 99 21.12 6.63 2.82
C LYS B 99 22.24 6.35 3.81
N GLU B 100 22.70 7.38 4.50
N GLU B 100 22.68 7.36 4.53
CA GLU B 100 23.72 7.21 5.54
CA GLU B 100 23.72 7.16 5.54
C GLU B 100 23.19 6.25 6.61
C GLU B 100 23.21 6.28 6.66
N PHE B 101 21.96 6.49 7.06
CA PHE B 101 21.32 5.67 8.07
C PHE B 101 21.17 4.25 7.56
N LEU B 102 20.70 4.04 6.34
CA LEU B 102 20.49 2.71 5.83
C LEU B 102 21.82 1.99 5.67
N ASP B 103 22.79 2.66 5.06
CA ASP B 103 24.04 1.99 4.75
C ASP B 103 24.78 1.53 6.00
N ALA B 104 24.66 2.28 7.09
CA ALA B 104 25.30 1.90 8.33
C ALA B 104 24.59 0.77 9.07
N ASN B 105 23.28 0.67 8.90
CA ASN B 105 22.47 -0.20 9.74
C ASN B 105 21.96 -1.46 9.04
N LEU B 106 22.02 -1.50 7.71
CA LEU B 106 21.65 -2.70 6.98
C LEU B 106 22.69 -3.79 7.17
C1 PGE C . -9.33 11.38 -8.65
O1 PGE C . -8.77 12.61 -8.84
C2 PGE C . -8.25 10.44 -8.19
O2 PGE C . -7.27 10.40 -9.15
C3 PGE C . -6.09 9.76 -8.85
C4 PGE C . -4.99 10.40 -9.61
O4 PGE C . -5.99 11.24 -13.56
C6 PGE C . -4.76 10.70 -13.27
C5 PGE C . -4.37 10.93 -11.84
O3 PGE C . -5.15 10.20 -10.97
H1 PGE C . -9.72 11.05 -9.46
H12 PGE C . -10.01 11.44 -7.95
HO1 PGE C . -8.14 12.56 -9.46
H2 PGE C . -8.62 9.55 -8.05
H22 PGE C . -7.87 10.77 -7.35
H3 PGE C . -6.16 8.81 -9.08
H32 PGE C . -5.92 9.84 -7.89
H4 PGE C . -4.13 10.04 -9.32
H42 PGE C . -5.01 11.35 -9.43
HO4 PGE C . -5.91 12.11 -13.70
H6 PGE C . -4.77 9.73 -13.45
H62 PGE C . -4.09 11.11 -13.85
H5 PGE C . -3.44 10.68 -11.72
H52 PGE C . -4.46 11.88 -11.65
C1 PGE D . 10.45 -1.02 21.09
O1 PGE D . 11.07 0.18 21.40
C2 PGE D . 9.87 -1.62 22.32
O2 PGE D . 9.26 -2.82 21.98
C3 PGE D . 10.09 -3.91 21.86
C4 PGE D . 9.36 -5.15 21.50
O4 PGE D . 11.19 -8.40 21.10
C6 PGE D . 11.67 -7.83 22.26
C5 PGE D . 11.17 -6.42 22.39
O3 PGE D . 10.26 -6.18 21.38
H1 PGE D . 11.11 -1.63 20.71
H12 PGE D . 9.74 -0.87 20.44
HO1 PGE D . 11.28 0.61 20.65
H2 PGE D . 9.23 -1.02 22.74
H22 PGE D . 10.60 -1.81 22.94
H3 PGE D . 10.54 -4.05 22.71
H32 PGE D . 10.76 -3.72 21.18
H4 PGE D . 8.90 -5.02 20.65
H42 PGE D . 8.72 -5.36 22.19
HO4 PGE D . 11.39 -9.26 21.09
H6 PGE D . 11.38 -8.34 23.03
H62 PGE D . 12.65 -7.82 22.23
H5 PGE D . 10.74 -6.32 23.25
H52 PGE D . 11.91 -5.80 22.32
#